data_3P6Z
#
_entry.id   3P6Z
#
_cell.length_a   52.208
_cell.length_b   62.259
_cell.length_c   67.510
_cell.angle_alpha   99.38
_cell.angle_beta   110.46
_cell.angle_gamma   92.26
#
_symmetry.space_group_name_H-M   'P 1'
#
loop_
_entity.id
_entity.type
_entity.pdbx_description
1 polymer 'Thrombin light chain'
2 polymer 'Thrombin heavy chain'
3 polymer 'Coagulation factor V'
4 non-polymer 'SODIUM ION'
5 non-polymer D-phenylalanyl-N-[(2S,3S)-6-{[amino(iminio)methyl]amino}-1-chloro-2-hydroxyhexan-3-yl]-L-prolinamide
6 non-polymer 2-acetamido-2-deoxy-beta-D-glucopyranose
7 non-polymer 'CHLORIDE ION'
8 non-polymer (4S)-2-METHYL-2,4-PENTANEDIOL
9 water water
#
loop_
_entity_poly.entity_id
_entity_poly.type
_entity_poly.pdbx_seq_one_letter_code
_entity_poly.pdbx_strand_id
1 'polypeptide(L)' TFGSGEADCGLRPLFEKKSLEDKTERELLESYIDGR A,G
2 'polypeptide(L)'
;IVEGSDAEIGMSPWQVMLFRKSPQELLCGASLISDRWVLTAAHCLLYPPWDKNFTENDLLVRIGKHSRTRYERNIEKISM
LEKIYIHPRYNWRENLDRDIALMKLKKPVAFSDYIHPVCLPDRETAASLLQAGYKGRVTGWGNLKETWTANVGKGQPSVL
QVVNLPIVERPVCKDSTRIRITDNMFCAGYKPDEGKRGDACEGDSGGPFVMKSPFNNRWYQMGIVSWGEGCDRDGKYGFY
THVFRLKKWIQKVIDQFGE
;
B,H
3 'polypeptide(L)' AHHHHHHVGTWENLYFQSIPDDDEDSYEIFEPPESTVMATRKMHDRLEPEDEESDADYDYQNRLAAALGIR C,I
#
loop_
_chem_comp.id
_chem_comp.type
_chem_comp.name
_chem_comp.formula
0G6 peptide-like D-phenylalanyl-N-[(2S,3S)-6-{[amino(iminio)methyl]amino}-1-chloro-2-hydroxyhexan-3-yl]-L-prolinamide 'C21 H34 Cl N6 O3 1'
CL non-polymer 'CHLORIDE ION' 'Cl -1'
MPD non-polymer (4S)-2-METHYL-2,4-PENTANEDIOL 'C6 H14 O2'
NA non-polymer 'SODIUM ION' 'Na 1'
NAG D-saccharide, beta linking 2-acetamido-2-deoxy-beta-D-glucopyranose 'C8 H15 N O6'
#
# COMPACT_ATOMS: atom_id res chain seq x y z
N GLU A 6 -5.41 10.39 -3.94
CA GLU A 6 -4.08 10.72 -3.36
C GLU A 6 -3.89 12.25 -3.27
N ALA A 7 -3.05 12.72 -2.35
CA ALA A 7 -3.06 14.14 -1.94
C ALA A 7 -3.09 15.13 -3.08
N ASP A 8 -2.23 14.91 -4.07
CA ASP A 8 -2.09 15.89 -5.10
C ASP A 8 -2.75 15.51 -6.42
N CYS A 9 -3.58 14.48 -6.41
CA CYS A 9 -4.15 13.99 -7.67
C CYS A 9 -4.92 15.03 -8.41
N GLY A 10 -4.94 14.88 -9.75
CA GLY A 10 -5.81 15.68 -10.60
C GLY A 10 -5.41 17.13 -10.91
N LEU A 11 -4.27 17.60 -10.40
CA LEU A 11 -3.88 18.97 -10.72
C LEU A 11 -2.63 18.82 -11.59
N ARG A 12 -2.68 19.35 -12.81
CA ARG A 12 -1.71 18.97 -13.84
C ARG A 12 -0.58 19.94 -13.73
N PRO A 13 0.65 19.42 -13.68
CA PRO A 13 1.76 20.35 -13.52
C PRO A 13 1.79 21.45 -14.57
N LEU A 14 1.33 21.19 -15.80
CA LEU A 14 1.58 22.22 -16.86
C LEU A 14 0.33 23.12 -17.08
N PHE A 15 -0.74 22.82 -16.32
CA PHE A 15 -1.97 23.53 -16.42
C PHE A 15 -2.43 24.13 -15.10
N GLU A 16 -3.12 23.36 -14.27
CA GLU A 16 -3.68 23.89 -13.02
C GLU A 16 -2.56 24.42 -12.18
N LYS A 17 -1.45 23.69 -12.13
CA LYS A 17 -0.37 24.09 -11.23
C LYS A 17 0.28 25.39 -11.69
N LYS A 18 0.03 25.74 -12.96
CA LYS A 18 0.56 27.03 -13.50
C LYS A 18 -0.50 28.09 -13.81
N SER A 19 -1.74 27.91 -13.32
CA SER A 19 -2.87 28.79 -13.65
C SER A 19 -3.03 28.98 -15.18
N LEU A 20 -2.84 27.88 -15.90
CA LEU A 20 -3.05 27.86 -17.34
C LEU A 20 -4.21 26.86 -17.65
N GLU A 21 -5.02 27.22 -18.64
CA GLU A 21 -6.10 26.35 -19.08
C GLU A 21 -5.75 25.75 -20.43
N ASP A 22 -6.14 24.48 -20.65
CA ASP A 22 -6.03 23.87 -21.93
C ASP A 22 -7.09 24.43 -22.94
N LYS A 23 -6.97 24.10 -24.22
CA LYS A 23 -7.87 24.69 -25.22
C LYS A 23 -9.37 24.31 -25.15
N THR A 24 -9.74 23.20 -24.50
CA THR A 24 -11.11 22.76 -24.61
C THR A 24 -11.73 22.50 -23.22
N GLU A 25 -10.98 22.72 -22.16
CA GLU A 25 -11.57 22.48 -20.84
C GLU A 25 -12.82 23.37 -20.53
N ARG A 26 -12.85 24.60 -21.05
CA ARG A 26 -14.03 25.48 -20.88
C ARG A 26 -15.30 24.78 -21.44
N GLU A 27 -15.14 24.00 -22.51
CA GLU A 27 -16.32 23.28 -23.07
C GLU A 27 -16.95 22.36 -22.01
N LEU A 28 -16.13 21.77 -21.14
CA LEU A 28 -16.63 20.87 -20.12
C LEU A 28 -17.45 21.67 -19.09
N LEU A 29 -16.86 22.77 -18.65
CA LEU A 29 -17.47 23.61 -17.63
C LEU A 29 -18.77 24.18 -18.17
N GLU A 30 -18.76 24.68 -19.42
CA GLU A 30 -19.96 25.16 -20.05
C GLU A 30 -21.07 24.12 -19.98
N SER A 31 -20.73 22.85 -20.23
CA SER A 31 -21.76 21.81 -20.20
C SER A 31 -22.35 21.62 -18.82
N TYR A 32 -21.56 21.86 -17.79
CA TYR A 32 -22.04 21.72 -16.40
C TYR A 32 -22.89 22.90 -15.97
N ILE A 33 -22.68 24.12 -16.54
CA ILE A 33 -23.46 25.27 -16.10
C ILE A 33 -24.64 25.62 -17.01
N ASP A 34 -24.39 25.61 -18.33
CA ASP A 34 -25.38 26.12 -19.28
C ASP A 34 -26.62 25.24 -19.32
N GLY A 35 -27.76 25.87 -19.63
CA GLY A 35 -29.05 25.14 -19.69
C GLY A 35 -29.07 23.92 -20.61
N ILE B 1 -9.13 7.23 -31.15
CA ILE B 1 -10.22 8.27 -30.98
C ILE B 1 -10.67 8.76 -32.35
N VAL B 2 -11.96 8.75 -32.59
CA VAL B 2 -12.53 9.23 -33.86
C VAL B 2 -13.07 10.64 -33.68
N GLU B 3 -12.69 11.54 -34.60
CA GLU B 3 -13.14 12.94 -34.63
C GLU B 3 -12.74 13.77 -33.40
N GLY B 4 -11.55 13.52 -32.89
CA GLY B 4 -10.98 14.25 -31.79
C GLY B 4 -9.86 15.07 -32.38
N SER B 5 -8.94 15.55 -31.53
CA SER B 5 -7.84 16.33 -31.97
C SER B 5 -6.58 15.95 -31.24
N ASP B 6 -5.42 16.52 -31.65
CA ASP B 6 -4.18 16.24 -30.94
C ASP B 6 -4.20 16.83 -29.54
N ALA B 7 -3.78 16.05 -28.55
CA ALA B 7 -3.68 16.55 -27.18
C ALA B 7 -2.57 17.55 -27.12
N GLU B 8 -2.71 18.46 -26.17
CA GLU B 8 -1.63 19.38 -25.84
C GLU B 8 -0.66 18.61 -24.96
N ILE B 9 0.59 19.03 -24.97
CA ILE B 9 1.57 18.32 -24.20
C ILE B 9 1.18 18.48 -22.72
N GLY B 10 1.15 17.37 -21.96
CA GLY B 10 0.91 17.46 -20.49
C GLY B 10 -0.56 17.66 -20.14
N MET B 11 -1.43 17.52 -21.15
CA MET B 11 -2.85 17.76 -21.01
C MET B 11 -3.46 16.60 -20.23
N SER B 12 -2.82 15.43 -20.36
CA SER B 12 -3.36 14.20 -19.72
C SER B 12 -2.23 13.34 -19.08
N PRO B 13 -1.60 13.93 -18.03
CA PRO B 13 -0.32 13.36 -17.54
C PRO B 13 -0.54 12.00 -16.80
N TRP B 14 -1.80 11.63 -16.59
CA TRP B 14 -2.16 10.30 -16.06
C TRP B 14 -2.34 9.25 -17.17
N GLN B 15 -2.22 9.63 -18.44
CA GLN B 15 -2.40 8.65 -19.53
C GLN B 15 -1.30 7.61 -19.52
N VAL B 16 -1.68 6.35 -19.57
CA VAL B 16 -0.70 5.26 -19.62
C VAL B 16 -0.90 4.43 -20.87
N MET B 17 0.19 3.95 -21.43
CA MET B 17 0.16 3.02 -22.55
C MET B 17 0.48 1.68 -22.06
N LEU B 18 -0.45 0.70 -22.26
CA LEU B 18 -0.09 -0.70 -22.10
C LEU B 18 0.59 -1.29 -23.36
N PHE B 19 1.81 -1.81 -23.19
CA PHE B 19 2.66 -2.20 -24.31
C PHE B 19 3.06 -3.67 -24.19
N ARG B 20 2.84 -4.46 -25.23
CA ARG B 20 3.22 -5.87 -25.20
C ARG B 20 4.72 -5.93 -25.50
N LYS B 21 5.47 -6.62 -24.65
CA LYS B 21 6.94 -6.68 -24.78
C LYS B 21 7.38 -7.31 -26.07
N SER B 22 6.86 -8.51 -26.33
CA SER B 22 7.31 -9.25 -27.51
C SER B 22 6.19 -10.16 -28.04
N PRO B 23 5.75 -9.94 -29.30
CA PRO B 23 6.16 -8.86 -30.21
C PRO B 23 5.68 -7.50 -29.71
N GLN B 24 6.39 -6.43 -30.13
CA GLN B 24 6.14 -5.06 -29.62
C GLN B 24 4.80 -4.58 -30.18
N GLU B 25 3.89 -4.18 -29.31
CA GLU B 25 2.54 -3.81 -29.73
C GLU B 25 1.88 -2.90 -28.72
N LEU B 26 1.16 -1.88 -29.18
CA LEU B 26 0.34 -1.07 -28.26
C LEU B 26 -0.92 -1.88 -28.01
N LEU B 27 -1.20 -2.22 -26.76
CA LEU B 27 -2.36 -3.04 -26.51
C LEU B 27 -3.58 -2.18 -26.24
N CYS B 28 -3.41 -1.13 -25.41
CA CYS B 28 -4.57 -0.40 -24.92
C CYS B 28 -4.02 0.75 -24.09
N GLY B 29 -4.96 1.56 -23.64
CA GLY B 29 -4.67 2.62 -22.71
C GLY B 29 -4.88 2.21 -21.25
N ALA B 30 -4.61 3.12 -20.35
CA ALA B 30 -4.59 2.86 -18.89
C ALA B 30 -4.43 4.22 -18.25
N SER B 31 -4.48 4.28 -16.93
CA SER B 31 -4.45 5.54 -16.25
C SER B 31 -3.63 5.33 -14.98
N LEU B 32 -2.94 6.38 -14.60
CA LEU B 32 -2.15 6.34 -13.35
C LEU B 32 -2.93 6.96 -12.20
N ILE B 33 -3.17 6.13 -11.14
CA ILE B 33 -3.93 6.60 -10.00
C ILE B 33 -3.12 6.75 -8.70
N SER B 34 -1.85 6.33 -8.69
CA SER B 34 -0.96 6.67 -7.55
C SER B 34 0.41 6.28 -8.03
N ASP B 35 1.46 6.41 -7.20
CA ASP B 35 2.78 6.05 -7.73
C ASP B 35 3.00 4.53 -8.01
N ARG B 36 2.11 3.65 -7.53
CA ARG B 36 2.36 2.24 -7.76
C ARG B 36 1.25 1.53 -8.51
N TRP B 37 0.16 2.25 -8.82
CA TRP B 37 -1.06 1.68 -9.31
C TRP B 37 -1.57 2.26 -10.62
N VAL B 38 -1.93 1.37 -11.53
CA VAL B 38 -2.43 1.80 -12.85
C VAL B 38 -3.71 1.11 -13.00
N LEU B 39 -4.66 1.85 -13.52
CA LEU B 39 -6.00 1.34 -13.73
C LEU B 39 -6.23 1.01 -15.24
N THR B 40 -6.94 -0.10 -15.56
CA THR B 40 -7.21 -0.30 -17.02
C THR B 40 -8.47 -1.09 -17.20
N ALA B 41 -8.78 -1.52 -18.43
CA ALA B 41 -9.97 -2.38 -18.64
C ALA B 41 -9.51 -3.84 -18.56
N ALA B 42 -10.31 -4.66 -17.91
CA ALA B 42 -9.96 -6.08 -17.83
C ALA B 42 -9.80 -6.79 -19.18
N HIS B 43 -10.67 -6.45 -20.16
CA HIS B 43 -10.59 -7.05 -21.49
C HIS B 43 -9.27 -6.79 -22.23
N CYS B 44 -8.55 -5.77 -21.83
CA CYS B 44 -7.18 -5.56 -22.28
C CYS B 44 -6.21 -6.69 -21.82
N LEU B 45 -6.54 -7.40 -20.73
CA LEU B 45 -5.65 -8.42 -20.14
C LEU B 45 -6.18 -9.81 -20.31
N LEU B 46 -7.51 -9.93 -20.27
CA LEU B 46 -8.12 -11.21 -20.28
C LEU B 46 -9.33 -11.18 -21.18
N TYR B 47 -9.29 -11.97 -22.23
CA TYR B 47 -10.44 -12.06 -23.12
C TYR B 47 -10.30 -13.38 -23.85
N PRO B 48 -10.79 -14.43 -23.22
CA PRO B 48 -10.52 -15.74 -23.73
C PRO B 48 -11.11 -16.10 -25.12
N PRO B 49 -12.23 -15.47 -25.55
CA PRO B 49 -12.64 -15.81 -26.94
C PRO B 49 -11.59 -15.47 -28.01
N TRP B 50 -10.72 -14.49 -27.74
CA TRP B 50 -9.59 -14.15 -28.61
C TRP B 50 -8.23 -14.64 -28.06
N ASP B 51 -8.27 -15.65 -27.21
CA ASP B 51 -7.05 -16.23 -26.60
C ASP B 51 -6.15 -15.22 -25.92
N LYS B 52 -6.76 -14.21 -25.30
CA LYS B 52 -5.98 -13.21 -24.62
C LYS B 52 -5.98 -13.53 -23.11
N ASN B 53 -4.78 -13.75 -22.57
CA ASN B 53 -4.58 -13.90 -21.16
C ASN B 53 -3.14 -13.48 -20.87
N PHE B 54 -2.89 -12.17 -20.70
CA PHE B 54 -1.52 -11.65 -20.42
C PHE B 54 -1.11 -11.84 -18.97
N THR B 55 0.11 -12.28 -18.70
CA THR B 55 0.62 -12.24 -17.31
C THR B 55 1.47 -10.99 -17.12
N GLU B 56 1.94 -10.78 -15.90
CA GLU B 56 2.73 -9.60 -15.54
C GLU B 56 3.95 -9.49 -16.42
N ASN B 57 4.59 -10.62 -16.69
CA ASN B 57 5.83 -10.64 -17.44
C ASN B 57 5.67 -10.42 -18.93
N ASP B 58 4.43 -10.37 -19.42
CA ASP B 58 4.16 -10.19 -20.85
C ASP B 58 4.11 -8.72 -21.28
N LEU B 59 4.01 -7.84 -20.29
CA LEU B 59 3.62 -6.44 -20.49
C LEU B 59 4.55 -5.46 -19.81
N LEU B 60 4.54 -4.26 -20.38
CA LEU B 60 5.11 -3.05 -19.80
C LEU B 60 4.11 -1.94 -19.84
N VAL B 61 4.32 -0.95 -18.98
CA VAL B 61 3.54 0.28 -19.08
C VAL B 61 4.46 1.43 -19.40
N ARG B 62 3.99 2.33 -20.26
CA ARG B 62 4.77 3.49 -20.71
C ARG B 62 4.00 4.75 -20.26
N ILE B 63 4.62 5.56 -19.43
CA ILE B 63 3.92 6.63 -18.76
C ILE B 63 4.56 7.95 -19.19
N GLY B 64 3.77 9.01 -19.34
CA GLY B 64 4.24 10.36 -19.68
C GLY B 64 4.38 10.55 -21.20
N LYS B 65 3.79 9.65 -21.97
CA LYS B 65 3.92 9.71 -23.43
C LYS B 65 3.03 10.73 -24.17
N HIS B 66 3.47 11.14 -25.35
CA HIS B 66 2.65 11.94 -26.28
C HIS B 66 2.62 11.20 -27.67
N SER B 67 3.80 11.10 -28.27
CA SER B 67 3.96 10.34 -29.52
C SER B 67 3.51 8.87 -29.32
N ARG B 68 2.78 8.33 -30.29
CA ARG B 68 2.40 6.91 -30.21
C ARG B 68 3.60 5.97 -30.36
N THR B 69 4.54 6.29 -31.27
CA THR B 69 5.58 5.34 -31.62
C THR B 69 7.00 5.77 -31.22
N ARG B 70 7.25 7.04 -30.94
CA ARG B 70 8.65 7.50 -30.68
C ARG B 70 9.02 7.12 -29.26
N TYR B 71 10.31 6.98 -28.99
CA TYR B 71 10.74 6.80 -27.59
C TYR B 71 11.04 8.19 -27.11
N GLU B 72 10.26 8.65 -26.14
CA GLU B 72 10.36 10.02 -25.70
C GLU B 72 11.43 10.13 -24.59
N ARG B 73 12.69 10.31 -24.96
CA ARG B 73 13.78 10.25 -23.97
C ARG B 73 13.58 11.33 -22.90
N ASN B 74 13.82 10.99 -21.64
CA ASN B 74 13.76 11.96 -20.52
C ASN B 74 12.40 12.60 -20.34
N ILE B 75 11.36 11.96 -20.91
CA ILE B 75 9.99 12.41 -20.82
C ILE B 75 9.20 11.17 -20.40
N GLU B 76 9.18 10.09 -21.20
CA GLU B 76 8.39 8.91 -20.75
C GLU B 76 9.12 8.04 -19.72
N LYS B 77 8.36 7.20 -18.97
CA LYS B 77 8.99 6.24 -18.07
C LYS B 77 8.43 4.90 -18.39
N ILE B 78 9.31 3.92 -18.44
CA ILE B 78 8.88 2.54 -18.62
C ILE B 78 8.81 1.80 -17.28
N SER B 79 7.67 1.21 -16.97
CA SER B 79 7.56 0.41 -15.74
C SER B 79 7.19 -1.03 -16.03
N MET B 80 7.77 -1.93 -15.25
CA MET B 80 7.38 -3.34 -15.27
C MET B 80 6.27 -3.55 -14.23
N LEU B 81 5.61 -4.68 -14.33
CA LEU B 81 4.45 -5.00 -13.48
C LEU B 81 4.82 -6.03 -12.43
N GLU B 82 4.44 -5.72 -11.19
CA GLU B 82 4.56 -6.70 -10.13
C GLU B 82 3.42 -7.72 -10.19
N LYS B 83 2.22 -7.22 -10.41
CA LYS B 83 1.06 -8.08 -10.32
C LYS B 83 -0.15 -7.48 -11.00
N ILE B 84 -0.96 -8.33 -11.62
CA ILE B 84 -2.20 -7.87 -12.29
C ILE B 84 -3.36 -8.32 -11.42
N TYR B 85 -4.34 -7.44 -11.23
CA TYR B 85 -5.57 -7.86 -10.50
C TYR B 85 -6.84 -7.61 -11.31
N ILE B 86 -7.61 -8.65 -11.58
CA ILE B 86 -8.79 -8.50 -12.44
C ILE B 86 -10.05 -8.64 -11.58
N HIS B 87 -11.06 -7.81 -11.83
CA HIS B 87 -12.29 -7.94 -11.10
C HIS B 87 -12.78 -9.38 -11.17
N PRO B 88 -13.01 -9.95 -9.98
CA PRO B 88 -13.40 -11.36 -9.94
C PRO B 88 -14.76 -11.64 -10.61
N ARG B 89 -15.59 -10.62 -10.77
CA ARG B 89 -16.88 -10.73 -11.47
C ARG B 89 -16.93 -10.02 -12.82
N TYR B 90 -15.76 -9.79 -13.39
CA TYR B 90 -15.68 -9.39 -14.81
C TYR B 90 -16.32 -10.47 -15.68
N ASN B 91 -17.27 -10.07 -16.52
CA ASN B 91 -18.07 -11.02 -17.30
C ASN B 91 -17.61 -10.83 -18.73
N TRP B 92 -16.60 -11.60 -19.18
CA TRP B 92 -16.20 -11.54 -20.60
C TRP B 92 -17.11 -12.32 -21.53
N ARG B 93 -17.89 -13.27 -20.97
CA ARG B 93 -18.82 -14.15 -21.74
C ARG B 93 -20.00 -13.41 -22.35
N GLU B 94 -20.48 -12.37 -21.67
CA GLU B 94 -21.72 -11.70 -22.14
C GLU B 94 -21.54 -10.23 -22.58
N ASN B 95 -21.35 -9.32 -21.62
CA ASN B 95 -21.41 -7.90 -21.91
C ASN B 95 -20.26 -7.06 -21.37
N LEU B 96 -19.14 -7.69 -20.98
CA LEU B 96 -18.03 -6.97 -20.33
C LEU B 96 -18.46 -6.15 -19.11
N ASP B 97 -19.42 -6.66 -18.39
CA ASP B 97 -19.72 -6.09 -17.10
C ASP B 97 -18.47 -6.13 -16.17
N ARG B 98 -18.21 -5.01 -15.45
CA ARG B 98 -17.10 -4.90 -14.55
C ARG B 98 -15.83 -5.15 -15.30
N ASP B 99 -15.63 -4.36 -16.36
CA ASP B 99 -14.52 -4.53 -17.21
C ASP B 99 -13.40 -3.57 -16.64
N ILE B 100 -12.72 -4.09 -15.63
CA ILE B 100 -11.87 -3.32 -14.79
C ILE B 100 -10.76 -4.25 -14.20
N ALA B 101 -9.54 -3.73 -14.21
CA ALA B 101 -8.32 -4.39 -13.73
C ALA B 101 -7.40 -3.33 -13.17
N LEU B 102 -6.59 -3.73 -12.22
CA LEU B 102 -5.56 -2.91 -11.65
C LEU B 102 -4.25 -3.63 -11.86
N MET B 103 -3.18 -2.83 -12.03
CA MET B 103 -1.84 -3.39 -12.17
C MET B 103 -0.96 -2.65 -11.20
N LYS B 104 -0.19 -3.41 -10.47
CA LYS B 104 0.71 -2.88 -9.46
C LYS B 104 2.07 -2.83 -10.10
N LEU B 105 2.74 -1.67 -10.12
CA LEU B 105 4.06 -1.61 -10.69
C LEU B 105 5.14 -2.16 -9.79
N LYS B 106 6.21 -2.63 -10.40
CA LYS B 106 7.30 -3.19 -9.62
C LYS B 106 7.93 -2.23 -8.69
N LYS B 107 8.04 -0.97 -9.13
CA LYS B 107 8.64 0.09 -8.39
C LYS B 107 7.81 1.35 -8.55
N PRO B 108 7.79 2.24 -7.54
CA PRO B 108 6.98 3.45 -7.71
C PRO B 108 7.56 4.35 -8.81
N VAL B 109 6.69 5.04 -9.53
CA VAL B 109 7.14 5.89 -10.60
C VAL B 109 7.21 7.30 -10.01
N ALA B 110 8.26 8.03 -10.37
CA ALA B 110 8.46 9.43 -9.93
C ALA B 110 7.59 10.35 -10.77
N PHE B 111 6.94 11.33 -10.11
CA PHE B 111 6.04 12.21 -10.83
C PHE B 111 6.86 13.31 -11.50
N SER B 112 6.29 13.91 -12.53
CA SER B 112 6.99 14.93 -13.32
C SER B 112 6.00 15.84 -14.03
N ASP B 113 6.45 16.76 -14.90
CA ASP B 113 5.48 17.56 -15.68
C ASP B 113 4.60 16.74 -16.58
N TYR B 114 5.05 15.52 -16.87
CA TYR B 114 4.39 14.76 -17.87
C TYR B 114 3.70 13.58 -17.27
N ILE B 115 3.93 13.37 -15.94
CA ILE B 115 3.47 12.16 -15.27
C ILE B 115 2.86 12.49 -13.90
N HIS B 116 1.57 12.16 -13.74
CA HIS B 116 0.90 12.71 -12.54
C HIS B 116 -0.41 12.02 -12.46
N PRO B 117 -0.81 11.57 -11.24
CA PRO B 117 -1.98 10.77 -11.08
C PRO B 117 -3.31 11.56 -11.20
N VAL B 118 -4.34 10.87 -11.69
CA VAL B 118 -5.73 11.39 -11.73
C VAL B 118 -6.48 11.01 -10.42
N CYS B 119 -7.51 11.80 -10.05
CA CYS B 119 -8.27 11.50 -8.80
C CYS B 119 -9.33 10.47 -9.11
N LEU B 120 -9.61 9.62 -8.12
CA LEU B 120 -10.85 8.86 -8.27
C LEU B 120 -12.01 9.55 -7.50
N PRO B 121 -13.26 9.45 -8.02
CA PRO B 121 -14.35 10.19 -7.46
C PRO B 121 -14.81 9.63 -6.10
N ASP B 122 -15.30 10.54 -5.27
CA ASP B 122 -15.97 10.25 -4.05
C ASP B 122 -17.46 10.37 -4.42
N ARG B 123 -18.33 9.98 -3.49
CA ARG B 123 -19.76 9.91 -3.78
C ARG B 123 -20.33 11.28 -4.24
N GLU B 124 -19.92 12.35 -3.57
CA GLU B 124 -20.46 13.68 -3.86
C GLU B 124 -20.05 14.11 -5.27
N THR B 125 -18.80 13.86 -5.61
CA THR B 125 -18.32 14.18 -6.95
C THR B 125 -19.08 13.44 -8.05
N ALA B 126 -19.29 12.13 -7.83
CA ALA B 126 -19.95 11.31 -8.83
C ALA B 126 -21.40 11.82 -8.97
N ALA B 127 -21.99 12.19 -7.85
CA ALA B 127 -23.38 12.58 -7.94
C ALA B 127 -23.55 13.94 -8.61
N SER B 128 -22.64 14.85 -8.33
CA SER B 128 -22.69 16.18 -8.88
C SER B 128 -22.46 16.09 -10.41
N LEU B 129 -21.51 15.25 -10.84
CA LEU B 129 -21.02 15.34 -12.23
C LEU B 129 -21.64 14.35 -13.24
N LEU B 130 -22.13 13.22 -12.72
CA LEU B 130 -22.69 12.15 -13.56
C LEU B 130 -24.13 12.49 -13.95
N GLN B 131 -24.27 13.44 -14.89
CA GLN B 131 -25.59 13.90 -15.32
C GLN B 131 -25.62 13.97 -16.82
N ALA B 132 -26.79 13.69 -17.40
CA ALA B 132 -26.92 13.69 -18.83
C ALA B 132 -26.62 15.04 -19.37
N GLY B 133 -25.83 15.07 -20.45
CA GLY B 133 -25.45 16.33 -21.09
C GLY B 133 -24.12 16.86 -20.54
N TYR B 134 -23.80 16.51 -19.30
CA TYR B 134 -22.45 16.90 -18.79
C TYR B 134 -21.36 16.22 -19.50
N LYS B 135 -20.30 16.97 -19.85
CA LYS B 135 -19.27 16.37 -20.69
C LYS B 135 -18.03 15.93 -19.95
N GLY B 136 -17.47 14.78 -20.41
CA GLY B 136 -16.13 14.41 -20.00
C GLY B 136 -15.21 14.33 -21.20
N ARG B 137 -13.97 14.01 -20.93
CA ARG B 137 -12.92 13.94 -21.90
C ARG B 137 -12.32 12.50 -21.96
N VAL B 138 -12.06 12.06 -23.20
CA VAL B 138 -11.53 10.74 -23.46
C VAL B 138 -10.28 10.88 -24.28
N THR B 139 -9.24 10.12 -23.91
CA THR B 139 -7.92 10.21 -24.56
C THR B 139 -7.43 8.84 -25.00
N GLY B 140 -6.62 8.79 -26.05
CA GLY B 140 -6.14 7.47 -26.41
C GLY B 140 -5.37 7.52 -27.71
N TRP B 141 -4.62 6.47 -27.97
CA TRP B 141 -3.87 6.30 -29.24
C TRP B 141 -4.51 5.22 -30.14
N GLY B 142 -5.80 4.93 -29.92
CA GLY B 142 -6.58 3.99 -30.69
C GLY B 142 -6.94 4.48 -32.10
N ASN B 143 -7.69 3.65 -32.82
CA ASN B 143 -8.00 3.95 -34.26
C ASN B 143 -8.67 5.32 -34.49
N LEU B 144 -8.38 5.93 -35.63
CA LEU B 144 -8.89 7.24 -36.01
C LEU B 144 -10.22 7.10 -36.71
N LYS B 145 -10.57 5.88 -37.14
CA LYS B 145 -11.80 5.59 -37.88
C LYS B 145 -12.25 4.22 -37.47
N GLU B 146 -13.54 3.96 -37.67
CA GLU B 146 -14.10 2.65 -37.42
C GLU B 146 -13.26 1.48 -38.02
N THR B 147 -13.17 0.41 -37.23
CA THR B 147 -12.42 -0.76 -37.60
C THR B 147 -13.01 -1.37 -38.89
N TRP B 148 -12.12 -1.75 -39.81
CA TRP B 148 -12.45 -2.28 -41.12
C TRP B 148 -12.68 -1.16 -42.11
N THR B 149 -12.70 0.08 -41.59
CA THR B 149 -13.13 1.26 -42.36
C THR B 149 -11.98 2.00 -43.05
N ALA B 150 -10.77 1.83 -42.53
CA ALA B 150 -9.47 1.88 -43.28
C ALA B 150 -9.38 2.83 -44.49
N GLY B 155 -5.10 5.50 -40.36
CA GLY B 155 -5.78 4.67 -39.30
C GLY B 155 -5.36 4.94 -37.86
N GLN B 156 -4.05 5.16 -37.66
CA GLN B 156 -3.47 5.31 -36.31
C GLN B 156 -2.97 6.74 -36.16
N PRO B 157 -3.17 7.36 -34.98
CA PRO B 157 -2.66 8.68 -34.76
C PRO B 157 -1.13 8.76 -34.60
N SER B 158 -0.55 9.89 -34.96
CA SER B 158 0.85 10.18 -34.62
C SER B 158 1.06 10.49 -33.13
N VAL B 159 0.14 11.25 -32.54
CA VAL B 159 0.21 11.62 -31.13
C VAL B 159 -1.11 11.34 -30.44
N LEU B 160 -1.05 11.39 -29.12
CA LEU B 160 -2.24 11.12 -28.30
C LEU B 160 -3.46 11.95 -28.75
N GLN B 161 -4.64 11.34 -28.86
CA GLN B 161 -5.86 12.03 -29.30
C GLN B 161 -6.80 12.31 -28.12
N VAL B 162 -7.61 13.35 -28.23
CA VAL B 162 -8.49 13.84 -27.16
C VAL B 162 -9.80 14.23 -27.81
N VAL B 163 -10.91 13.83 -27.17
CA VAL B 163 -12.24 14.29 -27.57
C VAL B 163 -13.09 14.55 -26.34
N ASN B 164 -13.81 15.67 -26.31
CA ASN B 164 -14.85 15.82 -25.24
C ASN B 164 -16.23 15.37 -25.65
N LEU B 165 -16.91 14.63 -24.78
CA LEU B 165 -18.24 14.03 -25.12
C LEU B 165 -19.24 14.13 -23.97
N PRO B 166 -20.52 14.34 -24.31
CA PRO B 166 -21.55 14.38 -23.25
C PRO B 166 -22.01 12.97 -22.77
N ILE B 167 -22.20 12.85 -21.46
CA ILE B 167 -22.89 11.69 -20.82
C ILE B 167 -24.34 11.66 -21.42
N VAL B 168 -24.81 10.43 -21.68
CA VAL B 168 -26.10 10.24 -22.32
C VAL B 168 -27.01 9.58 -21.28
N GLU B 169 -28.33 9.87 -21.23
CA GLU B 169 -29.20 9.23 -20.22
C GLU B 169 -29.35 7.72 -20.45
N ARG B 170 -29.53 6.95 -19.37
CA ARG B 170 -29.63 5.49 -19.45
C ARG B 170 -30.59 4.96 -20.53
N PRO B 171 -31.85 5.48 -20.62
CA PRO B 171 -32.79 4.87 -21.61
C PRO B 171 -32.30 4.98 -23.06
N VAL B 172 -31.61 6.07 -23.35
CA VAL B 172 -31.03 6.26 -24.68
C VAL B 172 -29.91 5.22 -24.92
N CYS B 173 -29.07 4.99 -23.91
CA CYS B 173 -27.96 4.02 -24.00
C CYS B 173 -28.56 2.66 -24.21
N LYS B 174 -29.53 2.32 -23.35
CA LYS B 174 -30.18 0.99 -23.36
C LYS B 174 -30.81 0.73 -24.73
N ASP B 175 -31.50 1.74 -25.29
CA ASP B 175 -32.21 1.51 -26.58
C ASP B 175 -31.30 1.53 -27.81
N SER B 176 -30.07 1.98 -27.60
CA SER B 176 -29.03 2.08 -28.64
C SER B 176 -28.43 0.72 -29.05
N THR B 177 -28.54 -0.30 -28.23
CA THR B 177 -27.80 -1.56 -28.46
C THR B 177 -28.59 -2.72 -27.94
N ARG B 178 -28.36 -3.89 -28.52
CA ARG B 178 -28.94 -5.13 -28.02
C ARG B 178 -28.05 -5.83 -26.99
N ILE B 179 -26.81 -5.36 -26.83
CA ILE B 179 -25.94 -5.81 -25.72
C ILE B 179 -26.63 -5.37 -24.39
N ARG B 180 -26.64 -6.26 -23.38
CA ARG B 180 -27.29 -6.01 -22.11
C ARG B 180 -26.44 -5.07 -21.25
N ILE B 181 -26.97 -3.87 -20.99
CA ILE B 181 -26.21 -2.83 -20.24
C ILE B 181 -26.38 -3.03 -18.74
N THR B 182 -25.40 -2.63 -17.90
CA THR B 182 -25.58 -2.78 -16.45
C THR B 182 -25.32 -1.45 -15.84
N ASP B 183 -25.61 -1.29 -14.56
CA ASP B 183 -25.30 -0.06 -13.84
C ASP B 183 -23.80 0.15 -13.62
N ASN B 184 -22.95 -0.81 -14.00
CA ASN B 184 -21.47 -0.68 -13.88
C ASN B 184 -20.94 -0.11 -15.15
N MET B 185 -21.84 0.31 -16.06
CA MET B 185 -21.45 1.00 -17.34
C MET B 185 -22.23 2.29 -17.47
N PHE B 186 -21.71 3.23 -18.24
CA PHE B 186 -22.47 4.40 -18.73
C PHE B 186 -22.02 4.67 -20.16
N CYS B 187 -22.83 5.43 -20.90
CA CYS B 187 -22.42 5.77 -22.25
C CYS B 187 -22.32 7.24 -22.50
N ALA B 188 -21.51 7.61 -23.50
CA ALA B 188 -21.35 8.98 -23.83
C ALA B 188 -21.22 9.18 -25.34
N GLY B 189 -21.44 10.43 -25.79
CA GLY B 189 -21.35 10.77 -27.20
C GLY B 189 -22.58 11.57 -27.63
N TYR B 190 -22.48 12.20 -28.79
CA TYR B 190 -23.49 13.08 -29.31
C TYR B 190 -24.62 12.31 -29.98
N LYS B 191 -25.82 12.84 -29.83
CA LYS B 191 -27.00 12.30 -30.53
C LYS B 191 -26.92 12.75 -31.97
N PRO B 192 -27.57 11.99 -32.90
CA PRO B 192 -27.58 12.47 -34.30
C PRO B 192 -27.99 13.93 -34.50
N ASP B 193 -29.07 14.35 -33.82
CA ASP B 193 -29.58 15.71 -34.03
C ASP B 193 -28.74 16.83 -33.37
N GLU B 194 -27.72 16.46 -32.59
CA GLU B 194 -26.80 17.45 -32.02
C GLU B 194 -25.69 17.85 -32.97
N GLY B 195 -25.55 17.10 -34.06
CA GLY B 195 -24.61 17.49 -35.14
C GLY B 195 -23.14 17.10 -34.92
N LYS B 196 -22.59 17.46 -33.77
CA LYS B 196 -21.16 17.21 -33.47
C LYS B 196 -20.89 15.71 -33.35
N ARG B 197 -19.62 15.28 -33.42
CA ARG B 197 -19.29 13.85 -33.52
C ARG B 197 -18.15 13.56 -32.55
N GLY B 198 -17.81 12.28 -32.45
CA GLY B 198 -16.64 11.88 -31.63
C GLY B 198 -16.92 10.60 -30.87
N ASP B 199 -15.91 9.77 -30.73
CA ASP B 199 -16.09 8.49 -30.04
C ASP B 199 -14.70 7.97 -29.75
N ALA B 200 -14.64 7.05 -28.82
CA ALA B 200 -13.42 6.28 -28.59
C ALA B 200 -13.54 5.14 -29.60
N CYS B 201 -12.52 4.30 -29.69
CA CYS B 201 -12.51 3.25 -30.70
C CYS B 201 -11.61 2.11 -30.19
N GLU B 202 -11.51 1.06 -31.01
CA GLU B 202 -10.53 0.03 -30.79
C GLU B 202 -9.12 0.52 -30.54
N GLY B 203 -8.55 -0.03 -29.49
CA GLY B 203 -7.23 0.38 -29.03
C GLY B 203 -7.29 1.51 -28.01
N ASP B 204 -8.45 2.16 -27.84
CA ASP B 204 -8.60 3.18 -26.77
C ASP B 204 -9.01 2.58 -25.42
N SER B 205 -9.40 1.30 -25.42
CA SER B 205 -9.86 0.66 -24.18
C SER B 205 -8.90 0.85 -23.02
N GLY B 206 -9.46 1.01 -21.81
CA GLY B 206 -8.62 1.12 -20.60
C GLY B 206 -8.20 2.59 -20.39
N GLY B 207 -8.37 3.44 -21.36
CA GLY B 207 -8.01 4.89 -21.14
C GLY B 207 -9.13 5.58 -20.36
N PRO B 208 -8.84 6.74 -19.77
CA PRO B 208 -9.78 7.38 -18.87
C PRO B 208 -10.82 8.26 -19.57
N PHE B 209 -12.07 8.22 -19.02
CA PHE B 209 -13.07 9.25 -19.24
C PHE B 209 -13.00 10.16 -17.98
N VAL B 210 -12.53 11.41 -18.17
CA VAL B 210 -12.26 12.32 -17.06
C VAL B 210 -13.17 13.56 -17.08
N MET B 211 -13.48 14.10 -15.88
CA MET B 211 -14.28 15.32 -15.76
C MET B 211 -13.52 16.24 -14.77
N LYS B 212 -13.49 17.55 -15.05
CA LYS B 212 -12.85 18.56 -14.17
C LYS B 212 -13.84 19.13 -13.13
N SER B 213 -13.58 18.87 -11.86
CA SER B 213 -14.53 19.30 -10.85
C SER B 213 -14.50 20.82 -10.66
N PRO B 214 -15.64 21.50 -10.74
CA PRO B 214 -15.58 22.96 -10.49
C PRO B 214 -15.47 23.21 -8.96
N PHE B 215 -15.65 22.18 -8.12
CA PHE B 215 -15.61 22.40 -6.66
C PHE B 215 -14.15 22.57 -6.22
N ASN B 216 -13.25 21.85 -6.83
CA ASN B 216 -11.83 21.90 -6.39
C ASN B 216 -10.78 21.98 -7.49
N ASN B 217 -11.24 22.21 -8.74
CA ASN B 217 -10.32 22.33 -9.87
C ASN B 217 -9.55 21.00 -10.24
N ARG B 218 -9.94 19.84 -9.73
CA ARG B 218 -9.17 18.60 -10.00
C ARG B 218 -9.83 17.76 -11.02
N TRP B 219 -9.02 17.04 -11.80
CA TRP B 219 -9.55 16.05 -12.71
C TRP B 219 -9.84 14.72 -12.03
N TYR B 220 -11.03 14.15 -12.31
CA TYR B 220 -11.47 12.89 -11.75
C TYR B 220 -11.71 11.93 -12.87
N GLN B 221 -11.25 10.72 -12.69
CA GLN B 221 -11.62 9.64 -13.64
C GLN B 221 -12.98 8.95 -13.31
N MET B 222 -14.00 9.24 -14.13
CA MET B 222 -15.38 8.75 -13.91
C MET B 222 -15.58 7.45 -14.66
N GLY B 223 -14.76 7.22 -15.67
CA GLY B 223 -15.03 6.12 -16.65
C GLY B 223 -13.80 5.47 -17.16
N ILE B 224 -13.94 4.19 -17.55
CA ILE B 224 -12.92 3.53 -18.33
C ILE B 224 -13.44 3.16 -19.75
N VAL B 225 -12.69 3.54 -20.83
CA VAL B 225 -13.16 3.14 -22.18
C VAL B 225 -13.35 1.59 -22.19
N SER B 226 -14.54 1.12 -22.53
CA SER B 226 -14.75 -0.35 -22.41
C SER B 226 -15.18 -0.99 -23.71
N TRP B 227 -16.23 -0.49 -24.31
CA TRP B 227 -16.74 -1.09 -25.53
C TRP B 227 -17.65 -0.21 -26.36
N GLY B 228 -18.02 -0.73 -27.54
CA GLY B 228 -18.97 -0.07 -28.40
C GLY B 228 -19.16 -0.87 -29.62
N GLU B 229 -19.96 -0.37 -30.56
CA GLU B 229 -20.23 -1.13 -31.80
C GLU B 229 -19.86 -0.21 -32.94
N GLY B 230 -18.84 -0.58 -33.73
CA GLY B 230 -18.22 0.37 -34.66
C GLY B 230 -17.72 1.52 -33.81
N CYS B 231 -17.41 2.62 -34.47
CA CYS B 231 -17.02 3.85 -33.76
C CYS B 231 -17.58 5.05 -34.52
N ASP B 232 -18.13 5.97 -33.72
CA ASP B 232 -18.74 7.22 -34.17
C ASP B 232 -19.94 7.03 -35.07
N ARG B 233 -20.66 5.93 -34.90
CA ARG B 233 -21.84 5.67 -35.75
C ARG B 233 -22.98 6.53 -35.28
N ASP B 234 -23.78 7.09 -36.21
CA ASP B 234 -25.00 7.77 -35.80
C ASP B 234 -25.91 6.80 -35.02
N GLY B 235 -26.37 7.28 -33.86
CA GLY B 235 -27.26 6.48 -33.03
C GLY B 235 -26.56 5.42 -32.17
N LYS B 236 -25.24 5.29 -32.29
CA LYS B 236 -24.44 4.52 -31.31
C LYS B 236 -23.69 5.43 -30.34
N TYR B 237 -23.32 4.86 -29.18
CA TYR B 237 -22.63 5.59 -28.10
C TYR B 237 -21.55 4.69 -27.53
N GLY B 238 -20.43 5.30 -27.18
CA GLY B 238 -19.34 4.52 -26.53
C GLY B 238 -19.75 4.20 -25.11
N PHE B 239 -19.33 3.01 -24.66
CA PHE B 239 -19.57 2.59 -23.30
C PHE B 239 -18.32 2.55 -22.46
N TYR B 240 -18.51 2.93 -21.21
CA TYR B 240 -17.43 3.12 -20.25
C TYR B 240 -17.78 2.38 -19.00
N THR B 241 -16.78 1.81 -18.34
CA THR B 241 -16.85 1.22 -16.99
C THR B 241 -17.07 2.35 -16.00
N HIS B 242 -18.03 2.24 -15.10
CA HIS B 242 -18.47 3.23 -14.15
C HIS B 242 -17.53 3.11 -12.93
N VAL B 243 -16.53 3.97 -12.86
CA VAL B 243 -15.47 3.81 -11.84
C VAL B 243 -15.99 3.95 -10.41
N PHE B 244 -16.82 4.98 -10.15
CA PHE B 244 -17.28 5.15 -8.78
C PHE B 244 -18.07 3.90 -8.35
N ARG B 245 -18.87 3.37 -9.26
CA ARG B 245 -19.56 2.12 -8.93
C ARG B 245 -18.66 0.95 -8.45
N LEU B 246 -17.42 0.91 -8.91
CA LEU B 246 -16.49 -0.20 -8.63
C LEU B 246 -15.43 0.27 -7.65
N LYS B 247 -15.64 1.44 -7.02
CA LYS B 247 -14.58 2.01 -6.18
C LYS B 247 -14.24 1.14 -4.94
N LYS B 248 -15.24 0.51 -4.38
CA LYS B 248 -15.07 -0.40 -3.22
C LYS B 248 -14.18 -1.62 -3.59
N TRP B 249 -14.31 -2.11 -4.82
CA TRP B 249 -13.33 -3.13 -5.25
C TRP B 249 -11.89 -2.53 -5.41
N ILE B 250 -11.80 -1.37 -6.07
CA ILE B 250 -10.54 -0.74 -6.23
C ILE B 250 -9.86 -0.60 -4.83
N GLN B 251 -10.56 0.03 -3.91
CA GLN B 251 -9.97 0.28 -2.57
C GLN B 251 -9.52 -0.97 -1.84
N LYS B 252 -10.35 -2.00 -1.91
CA LYS B 252 -10.07 -3.31 -1.34
C LYS B 252 -8.71 -3.87 -1.84
N VAL B 253 -8.51 -3.81 -3.16
CA VAL B 253 -7.26 -4.32 -3.76
C VAL B 253 -6.04 -3.51 -3.29
N ILE B 254 -6.11 -2.17 -3.42
CA ILE B 254 -5.04 -1.34 -3.00
C ILE B 254 -4.74 -1.48 -1.51
N ASP B 255 -5.77 -1.51 -0.68
CA ASP B 255 -5.56 -1.71 0.77
C ASP B 255 -4.82 -3.04 1.09
N GLN B 256 -5.20 -4.13 0.40
CA GLN B 256 -4.61 -5.40 0.70
C GLN B 256 -3.19 -5.53 0.15
N PHE B 257 -2.98 -5.05 -1.09
CA PHE B 257 -1.78 -5.38 -1.84
C PHE B 257 -0.81 -4.20 -2.01
N GLY B 258 -1.17 -3.02 -1.53
CA GLY B 258 -0.32 -1.86 -1.60
C GLY B 258 0.82 -1.90 -0.58
N GLU B 259 1.63 -0.84 -0.58
CA GLU B 259 2.83 -0.77 0.30
C GLU B 259 2.80 0.30 1.43
N GLU C 28 2.77 0.65 -36.49
CA GLU C 28 3.95 0.61 -37.45
C GLU C 28 5.19 -0.04 -36.82
N ILE C 29 6.20 0.81 -36.61
CA ILE C 29 7.49 0.50 -36.01
C ILE C 29 7.61 1.35 -34.74
N PHE C 30 7.96 0.73 -33.61
CA PHE C 30 8.26 1.47 -32.37
C PHE C 30 9.73 1.80 -32.25
N GLU C 31 10.04 3.04 -31.89
CA GLU C 31 11.44 3.36 -31.59
C GLU C 31 11.85 2.67 -30.30
N PRO C 32 13.06 2.08 -30.28
CA PRO C 32 13.52 1.46 -29.02
C PRO C 32 14.02 2.47 -27.96
N PRO C 33 14.06 2.05 -26.66
CA PRO C 33 14.75 2.84 -25.59
C PRO C 33 16.20 3.06 -26.10
N GLU C 34 16.92 4.12 -25.75
CA GLU C 34 17.39 4.42 -24.41
C GLU C 34 17.33 5.92 -24.12
N ALA D 7 25.55 -4.72 9.01
CA ALA D 7 26.66 -5.71 8.82
C ALA D 7 26.76 -6.61 10.02
N ASP D 8 26.65 -6.04 11.22
CA ASP D 8 26.80 -6.86 12.37
C ASP D 8 25.52 -7.22 13.10
N CYS D 9 24.37 -7.06 12.45
CA CYS D 9 23.14 -7.08 13.19
C CYS D 9 22.84 -8.48 13.68
N GLY D 10 22.15 -8.59 14.81
CA GLY D 10 21.52 -9.88 15.21
C GLY D 10 22.48 -10.83 15.89
N LEU D 11 23.74 -10.44 16.14
CA LEU D 11 24.74 -11.30 16.80
C LEU D 11 24.97 -10.64 18.16
N ARG D 12 24.62 -11.33 19.28
CA ARG D 12 24.61 -10.62 20.58
C ARG D 12 26.00 -10.68 21.19
N PRO D 13 26.46 -9.55 21.70
CA PRO D 13 27.79 -9.63 22.30
C PRO D 13 28.00 -10.62 23.45
N LEU D 14 26.94 -10.89 24.23
CA LEU D 14 27.11 -11.74 25.39
C LEU D 14 26.72 -13.20 25.10
N PHE D 15 26.25 -13.46 23.85
CA PHE D 15 25.95 -14.78 23.50
C PHE D 15 26.62 -15.29 22.25
N GLU D 16 26.06 -15.02 21.07
CA GLU D 16 26.66 -15.56 19.81
C GLU D 16 28.13 -15.14 19.71
N LYS D 17 28.44 -13.91 20.08
CA LYS D 17 29.84 -13.48 19.90
C LYS D 17 30.80 -14.15 20.85
N LYS D 18 30.28 -14.82 21.88
CA LYS D 18 31.16 -15.50 22.85
C LYS D 18 30.92 -17.00 22.82
N SER D 19 30.21 -17.49 21.80
CA SER D 19 29.82 -18.91 21.69
C SER D 19 29.08 -19.44 22.92
N LEU D 20 28.19 -18.62 23.48
CA LEU D 20 27.32 -19.03 24.59
C LEU D 20 25.90 -18.98 24.08
N GLU D 21 25.10 -19.94 24.51
CA GLU D 21 23.70 -19.92 24.19
C GLU D 21 22.89 -19.51 25.41
N ASP D 22 21.74 -18.88 25.14
CA ASP D 22 20.88 -18.52 26.23
C ASP D 22 20.02 -19.71 26.64
N LYS D 23 19.27 -19.56 27.71
CA LYS D 23 18.60 -20.75 28.32
C LYS D 23 17.47 -21.33 27.51
N THR D 24 16.91 -20.57 26.57
CA THR D 24 15.73 -21.06 25.87
C THR D 24 15.84 -21.00 24.34
N GLU D 25 16.96 -20.56 23.77
CA GLU D 25 17.01 -20.45 22.29
C GLU D 25 16.88 -21.83 21.59
N ARG D 26 17.34 -22.88 22.25
CA ARG D 26 17.28 -24.24 21.68
C ARG D 26 15.78 -24.58 21.45
N GLU D 27 14.89 -24.10 22.30
CA GLU D 27 13.45 -24.30 22.05
C GLU D 27 13.02 -23.77 20.71
N LEU D 28 13.59 -22.61 20.27
CA LEU D 28 13.20 -22.09 18.97
C LEU D 28 13.70 -23.04 17.85
N LEU D 29 14.91 -23.52 17.99
CA LEU D 29 15.49 -24.26 16.90
C LEU D 29 14.86 -25.61 16.84
N GLU D 30 14.51 -26.18 18.00
CA GLU D 30 13.68 -27.41 17.99
C GLU D 30 12.33 -27.24 17.22
N SER D 31 11.66 -26.09 17.38
CA SER D 31 10.36 -25.81 16.66
C SER D 31 10.62 -25.83 15.15
N TYR D 32 11.80 -25.40 14.72
CA TYR D 32 12.06 -25.29 13.26
C TYR D 32 12.37 -26.66 12.65
N ILE D 33 12.89 -27.59 13.47
CA ILE D 33 13.40 -28.88 12.94
C ILE D 33 12.42 -29.99 13.22
N ASP D 34 11.89 -30.03 14.44
CA ASP D 34 11.21 -31.24 14.85
C ASP D 34 9.88 -31.28 14.11
N GLY D 35 9.31 -32.48 13.96
CA GLY D 35 8.05 -32.58 13.20
C GLY D 35 6.83 -31.95 13.88
N ILE E 1 4.25 -8.97 29.49
CA ILE E 1 4.37 -10.36 29.02
C ILE E 1 3.72 -11.29 30.06
N VAL E 2 2.79 -12.12 29.64
CA VAL E 2 2.14 -13.03 30.57
C VAL E 2 2.75 -14.42 30.46
N GLU E 3 3.03 -15.03 31.62
CA GLU E 3 3.57 -16.40 31.66
C GLU E 3 4.88 -16.58 30.94
N GLY E 4 5.72 -15.53 30.99
CA GLY E 4 7.05 -15.58 30.52
C GLY E 4 7.97 -15.68 31.70
N SER E 5 9.24 -15.37 31.47
CA SER E 5 10.23 -15.43 32.52
C SER E 5 11.16 -14.24 32.52
N ASP E 6 11.95 -14.07 33.58
CA ASP E 6 12.96 -13.00 33.54
C ASP E 6 13.93 -13.24 32.43
N ALA E 7 14.22 -12.19 31.66
CA ALA E 7 15.29 -12.30 30.67
C ALA E 7 16.63 -12.45 31.31
N GLU E 8 17.56 -13.00 30.53
CA GLU E 8 18.97 -12.99 30.92
C GLU E 8 19.59 -11.66 30.54
N ILE E 9 20.64 -11.30 31.25
CA ILE E 9 21.32 -10.07 30.96
C ILE E 9 21.91 -10.10 29.52
N GLY E 10 21.72 -9.04 28.74
CA GLY E 10 22.20 -8.99 27.35
C GLY E 10 21.50 -9.93 26.37
N MET E 11 20.39 -10.55 26.79
CA MET E 11 19.66 -11.51 25.98
C MET E 11 18.93 -10.83 24.79
N SER E 12 18.52 -9.57 24.97
CA SER E 12 17.74 -8.84 23.95
C SER E 12 18.30 -7.46 23.84
N PRO E 13 19.51 -7.37 23.27
CA PRO E 13 20.25 -6.09 23.36
C PRO E 13 19.73 -4.99 22.42
N TRP E 14 18.78 -5.35 21.55
CA TRP E 14 18.06 -4.44 20.69
C TRP E 14 16.77 -3.89 21.35
N GLN E 15 16.42 -4.38 22.55
CA GLN E 15 15.15 -3.94 23.18
C GLN E 15 15.29 -2.47 23.57
N VAL E 16 14.27 -1.74 23.25
CA VAL E 16 14.19 -0.32 23.56
C VAL E 16 12.98 -0.02 24.40
N MET E 17 13.12 0.92 25.33
CA MET E 17 12.00 1.39 26.10
C MET E 17 11.61 2.75 25.61
N LEU E 18 10.36 2.92 25.17
CA LEU E 18 9.85 4.23 24.80
C LEU E 18 9.35 4.95 26.09
N PHE E 19 9.85 6.15 26.41
CA PHE E 19 9.63 6.70 27.77
C PHE E 19 9.06 8.12 27.68
N ARG E 20 7.91 8.39 28.30
CA ARG E 20 7.36 9.76 28.24
C ARG E 20 8.19 10.68 29.16
N LYS E 21 8.58 11.87 28.69
CA LYS E 21 9.47 12.71 29.50
C LYS E 21 8.79 13.27 30.75
N SER E 22 7.55 13.72 30.59
CA SER E 22 6.81 14.32 31.72
C SER E 22 5.30 14.30 31.48
N PRO E 23 4.53 13.68 32.40
CA PRO E 23 4.92 12.89 33.58
C PRO E 23 5.61 11.60 33.14
N GLN E 24 6.60 11.16 33.90
CA GLN E 24 7.46 10.08 33.47
C GLN E 24 6.64 8.80 33.44
N GLU E 25 6.77 8.01 32.36
CA GLU E 25 5.91 6.88 32.18
C GLU E 25 6.56 6.00 31.12
N LEU E 26 6.55 4.70 31.37
CA LEU E 26 6.98 3.76 30.35
C LEU E 26 5.81 3.62 29.36
N LEU E 27 6.02 4.04 28.11
CA LEU E 27 4.88 3.97 27.20
C LEU E 27 4.77 2.67 26.46
N CYS E 28 5.90 2.15 26.01
CA CYS E 28 5.89 1.08 25.01
C CYS E 28 7.28 0.52 24.88
N GLY E 29 7.34 -0.59 24.16
CA GLY E 29 8.56 -1.18 23.76
C GLY E 29 8.87 -0.68 22.35
N ALA E 30 10.06 -1.07 21.90
CA ALA E 30 10.55 -0.75 20.59
C ALA E 30 11.80 -1.56 20.36
N SER E 31 12.39 -1.43 19.17
CA SER E 31 13.53 -2.25 18.90
C SER E 31 14.60 -1.32 18.20
N LEU E 32 15.82 -1.69 18.44
CA LEU E 32 16.99 -0.99 17.77
C LEU E 32 17.38 -1.71 16.44
N ILE E 33 17.28 -0.98 15.30
CA ILE E 33 17.59 -1.59 14.00
C ILE E 33 18.86 -1.02 13.32
N SER E 34 19.40 0.08 13.85
CA SER E 34 20.76 0.57 13.50
C SER E 34 21.15 1.58 14.57
N ASP E 35 22.33 2.20 14.42
CA ASP E 35 22.75 3.20 15.39
C ASP E 35 21.86 4.42 15.43
N ARG E 36 21.03 4.67 14.41
CA ARG E 36 20.14 5.83 14.44
C ARG E 36 18.65 5.58 14.36
N TRP E 37 18.21 4.33 14.14
CA TRP E 37 16.79 4.12 13.89
C TRP E 37 16.21 3.10 14.88
N VAL E 38 14.98 3.37 15.30
CA VAL E 38 14.25 2.51 16.27
C VAL E 38 12.92 2.26 15.64
N LEU E 39 12.51 1.02 15.66
CA LEU E 39 11.25 0.64 15.05
C LEU E 39 10.27 0.47 16.24
N THR E 40 8.98 0.84 16.04
CA THR E 40 7.96 0.63 17.14
C THR E 40 6.60 0.47 16.52
N ALA E 41 5.52 0.32 17.32
CA ALA E 41 4.18 0.31 16.81
C ALA E 41 3.65 1.75 16.67
N ALA E 42 2.94 2.02 15.59
CA ALA E 42 2.37 3.37 15.36
C ALA E 42 1.46 3.80 16.52
N HIS E 43 0.73 2.83 17.07
CA HIS E 43 -0.24 3.18 18.10
C HIS E 43 0.33 3.60 19.42
N CYS E 44 1.63 3.38 19.62
CA CYS E 44 2.39 3.90 20.76
C CYS E 44 2.57 5.44 20.67
N LEU E 45 2.43 5.97 19.47
CA LEU E 45 2.71 7.39 19.15
C LEU E 45 1.45 8.13 18.73
N LEU E 46 0.51 7.43 18.10
CA LEU E 46 -0.67 8.06 17.53
C LEU E 46 -1.89 7.14 17.66
N TYR E 47 -2.88 7.60 18.44
CA TYR E 47 -4.09 6.86 18.62
C TYR E 47 -5.10 7.90 19.04
N PRO E 48 -5.71 8.50 18.05
CA PRO E 48 -6.63 9.60 18.36
C PRO E 48 -7.85 9.26 19.24
N PRO E 49 -8.42 8.01 19.20
CA PRO E 49 -9.52 7.73 20.15
C PRO E 49 -9.18 7.90 21.64
N TRP E 50 -7.89 7.80 21.98
CA TRP E 50 -7.42 8.03 23.35
C TRP E 50 -6.62 9.34 23.42
N ASP E 51 -6.84 10.18 22.41
CA ASP E 51 -6.16 11.48 22.35
C ASP E 51 -4.65 11.36 22.46
N LYS E 52 -4.13 10.29 21.89
CA LYS E 52 -2.68 10.15 21.83
C LYS E 52 -2.12 10.67 20.50
N ASN E 53 -1.20 11.59 20.59
CA ASN E 53 -0.50 12.11 19.45
C ASN E 53 0.80 12.72 19.94
N PHE E 54 1.79 11.88 20.16
CA PHE E 54 3.07 12.33 20.65
C PHE E 54 3.87 13.01 19.52
N THR E 55 4.57 14.08 19.94
CA THR E 55 5.59 14.76 19.15
C THR E 55 6.95 14.24 19.66
N GLU E 56 7.98 14.42 18.83
CA GLU E 56 9.35 14.03 19.11
C GLU E 56 9.81 14.51 20.46
N ASN E 57 9.45 15.76 20.81
CA ASN E 57 9.89 16.40 22.04
C ASN E 57 9.29 15.89 23.32
N ASP E 58 8.28 15.05 23.17
CA ASP E 58 7.52 14.49 24.28
C ASP E 58 8.14 13.23 24.86
N LEU E 59 9.01 12.59 24.06
CA LEU E 59 9.49 11.25 24.31
C LEU E 59 11.02 11.16 24.43
N LEU E 60 11.45 10.09 25.07
CA LEU E 60 12.84 9.66 25.17
C LEU E 60 12.86 8.16 24.82
N VAL E 61 13.97 7.66 24.32
CA VAL E 61 14.15 6.21 24.33
C VAL E 61 15.28 5.82 25.27
N ARG E 62 15.13 4.68 25.92
CA ARG E 62 16.11 4.21 26.87
C ARG E 62 16.60 2.85 26.33
N ILE E 63 17.89 2.71 26.14
CA ILE E 63 18.42 1.55 25.36
C ILE E 63 19.37 0.77 26.24
N GLY E 64 19.38 -0.59 26.21
CA GLY E 64 20.32 -1.35 27.05
C GLY E 64 19.84 -1.62 28.47
N LYS E 65 18.55 -1.46 28.70
CA LYS E 65 17.98 -1.72 30.03
C LYS E 65 17.65 -3.18 30.33
N HIS E 66 17.55 -3.49 31.64
CA HIS E 66 17.00 -4.78 32.15
C HIS E 66 15.88 -4.53 33.19
N SER E 67 16.27 -3.85 34.26
CA SER E 67 15.33 -3.33 35.24
C SER E 67 14.34 -2.38 34.58
N ARG E 68 13.07 -2.53 34.93
CA ARG E 68 12.04 -1.65 34.46
C ARG E 68 12.22 -0.21 35.02
N THR E 69 12.57 -0.07 36.31
CA THR E 69 12.45 1.25 36.95
C THR E 69 13.76 1.85 37.42
N ARG E 70 14.78 1.01 37.64
CA ARG E 70 16.15 1.49 38.04
C ARG E 70 16.82 2.26 36.92
N TYR E 71 17.65 3.23 37.29
CA TYR E 71 18.51 3.87 36.35
C TYR E 71 19.77 3.04 36.29
N GLU E 72 20.02 2.42 35.13
CA GLU E 72 21.14 1.50 35.03
C GLU E 72 22.39 2.22 34.58
N ARG E 73 23.08 2.74 35.58
CA ARG E 73 24.30 3.51 35.40
C ARG E 73 25.32 2.76 34.58
N ASN E 74 25.89 3.47 33.58
CA ASN E 74 26.94 2.95 32.67
C ASN E 74 26.55 1.66 31.94
N ILE E 75 25.25 1.39 31.86
CA ILE E 75 24.70 0.22 31.15
C ILE E 75 23.71 0.79 30.12
N GLU E 76 22.59 1.34 30.63
CA GLU E 76 21.62 1.98 29.71
C GLU E 76 22.07 3.24 29.02
N LYS E 77 21.38 3.59 27.94
CA LYS E 77 21.68 4.82 27.23
C LYS E 77 20.36 5.51 26.93
N ILE E 78 20.30 6.79 27.24
CA ILE E 78 19.16 7.61 26.92
C ILE E 78 19.33 8.46 25.64
N SER E 79 18.45 8.31 24.66
CA SER E 79 18.54 9.07 23.37
C SER E 79 17.33 9.93 23.15
N MET E 80 17.49 11.12 22.57
CA MET E 80 16.34 11.91 22.14
C MET E 80 16.00 11.62 20.68
N LEU E 81 14.79 12.02 20.30
CA LEU E 81 14.25 11.78 18.98
C LEU E 81 14.39 13.01 18.06
N GLU E 82 14.92 12.79 16.87
CA GLU E 82 14.89 13.79 15.83
C GLU E 82 13.60 13.86 15.11
N LYS E 83 13.05 12.69 14.73
CA LYS E 83 11.85 12.72 13.94
C LYS E 83 11.08 11.41 14.08
N ILE E 84 9.76 11.49 14.13
CA ILE E 84 8.90 10.30 14.10
C ILE E 84 8.31 10.14 12.70
N TYR E 85 8.30 8.90 12.19
CA TYR E 85 7.58 8.61 10.92
C TYR E 85 6.55 7.49 11.04
N ILE E 86 5.25 7.76 10.83
CA ILE E 86 4.21 6.76 10.99
C ILE E 86 3.79 6.33 9.59
N HIS E 87 3.54 5.05 9.38
CA HIS E 87 3.04 4.66 8.08
C HIS E 87 1.83 5.48 7.68
N PRO E 88 1.89 6.12 6.47
CA PRO E 88 0.75 6.95 6.00
C PRO E 88 -0.58 6.24 5.95
N ARG E 89 -0.55 4.93 5.81
CA ARG E 89 -1.80 4.16 5.72
C ARG E 89 -2.10 3.35 7.01
N TYR E 90 -1.40 3.66 8.09
CA TYR E 90 -1.79 3.15 9.45
C TYR E 90 -3.25 3.44 9.72
N ASN E 91 -4.04 2.37 9.88
CA ASN E 91 -5.52 2.40 10.08
C ASN E 91 -5.90 2.31 11.55
N TRP E 92 -5.80 3.46 12.25
CA TRP E 92 -6.17 3.47 13.71
C TRP E 92 -7.68 3.42 13.89
N ARG E 93 -8.42 3.90 12.89
CA ARG E 93 -9.91 3.86 12.89
C ARG E 93 -10.51 2.46 12.97
N GLU E 94 -9.93 1.48 12.29
CA GLU E 94 -10.53 0.15 12.20
C GLU E 94 -9.81 -0.97 12.94
N ASN E 95 -8.62 -1.35 12.49
CA ASN E 95 -8.07 -2.59 12.99
C ASN E 95 -6.55 -2.55 13.22
N LEU E 96 -5.99 -1.35 13.40
CA LEU E 96 -4.52 -1.10 13.49
C LEU E 96 -3.76 -1.73 12.32
N ASP E 97 -4.38 -1.76 11.14
CA ASP E 97 -3.60 -2.27 10.00
C ASP E 97 -2.36 -1.40 9.86
N ARG E 98 -1.20 -2.00 9.54
CA ARG E 98 0.03 -1.24 9.35
C ARG E 98 0.42 -0.49 10.63
N ASP E 99 0.45 -1.19 11.76
CA ASP E 99 0.74 -0.54 13.05
C ASP E 99 2.26 -0.47 13.15
N ILE E 100 2.89 0.53 12.48
CA ILE E 100 4.33 0.56 12.44
C ILE E 100 4.79 2.04 12.34
N ALA E 101 5.91 2.30 12.97
CA ALA E 101 6.48 3.65 13.05
C ALA E 101 7.98 3.52 13.23
N LEU E 102 8.72 4.54 12.74
CA LEU E 102 10.13 4.57 12.87
C LEU E 102 10.53 5.87 13.58
N MET E 103 11.55 5.81 14.41
CA MET E 103 11.93 7.04 15.12
C MET E 103 13.38 7.17 14.82
N LYS E 104 13.82 8.39 14.39
CA LYS E 104 15.21 8.62 14.14
C LYS E 104 15.74 9.35 15.34
N LEU E 105 16.86 8.88 15.83
CA LEU E 105 17.55 9.37 16.99
C LEU E 105 18.35 10.60 16.60
N LYS E 106 18.37 11.57 17.50
CA LYS E 106 19.07 12.80 17.29
C LYS E 106 20.57 12.54 17.08
N LYS E 107 21.14 11.54 17.76
CA LYS E 107 22.57 11.19 17.59
C LYS E 107 22.75 9.69 17.47
N PRO E 108 23.82 9.21 16.79
CA PRO E 108 23.91 7.74 16.74
C PRO E 108 24.24 7.15 18.10
N VAL E 109 23.62 6.04 18.48
CA VAL E 109 23.99 5.43 19.77
C VAL E 109 25.19 4.56 19.53
N ALA E 110 26.07 4.52 20.53
CA ALA E 110 27.17 3.59 20.53
C ALA E 110 26.75 2.22 21.04
N PHE E 111 27.17 1.22 20.29
CA PHE E 111 26.90 -0.17 20.67
C PHE E 111 27.77 -0.65 21.83
N SER E 112 27.29 -1.63 22.60
CA SER E 112 28.09 -2.15 23.72
C SER E 112 27.63 -3.57 23.91
N ASP E 113 27.97 -4.20 25.04
CA ASP E 113 27.46 -5.54 25.42
C ASP E 113 25.93 -5.56 25.59
N TYR E 114 25.32 -4.42 25.91
CA TYR E 114 23.90 -4.39 26.30
C TYR E 114 23.10 -3.74 25.20
N ILE E 115 23.78 -3.30 24.16
CA ILE E 115 23.15 -2.49 23.14
C ILE E 115 23.61 -2.96 21.78
N HIS E 116 22.68 -3.47 20.98
CA HIS E 116 23.13 -4.06 19.67
C HIS E 116 21.88 -4.24 18.79
N PRO E 117 21.96 -3.88 17.50
CA PRO E 117 20.77 -3.86 16.66
C PRO E 117 20.38 -5.28 16.23
N VAL E 118 19.08 -5.46 15.98
CA VAL E 118 18.57 -6.73 15.50
C VAL E 118 18.56 -6.69 13.95
N CYS E 119 18.47 -7.83 13.28
CA CYS E 119 18.37 -7.74 11.81
C CYS E 119 16.95 -7.68 11.33
N LEU E 120 16.73 -7.08 10.16
CA LEU E 120 15.39 -7.15 9.54
C LEU E 120 15.38 -8.22 8.45
N PRO E 121 14.23 -8.92 8.27
CA PRO E 121 14.37 -10.07 7.39
C PRO E 121 14.38 -9.69 5.89
N ASP E 122 14.99 -10.57 5.10
CA ASP E 122 14.97 -10.54 3.64
C ASP E 122 13.90 -11.55 3.26
N ARG E 123 13.56 -11.60 1.97
CA ARG E 123 12.53 -12.47 1.47
C ARG E 123 12.75 -13.92 1.82
N GLU E 124 13.99 -14.40 1.69
CA GLU E 124 14.25 -15.86 1.88
C GLU E 124 14.07 -16.27 3.37
N THR E 125 14.54 -15.38 4.24
CA THR E 125 14.44 -15.59 5.68
C THR E 125 12.98 -15.64 6.13
N ALA E 126 12.18 -14.69 5.63
CA ALA E 126 10.76 -14.63 5.91
C ALA E 126 10.10 -15.90 5.39
N ALA E 127 10.48 -16.31 4.18
CA ALA E 127 9.81 -17.47 3.64
C ALA E 127 10.20 -18.70 4.45
N SER E 128 11.46 -18.80 4.85
CA SER E 128 11.92 -20.01 5.55
C SER E 128 11.34 -20.08 6.97
N LEU E 129 11.24 -18.93 7.66
CA LEU E 129 10.90 -19.03 9.08
C LEU E 129 9.42 -18.79 9.44
N LEU E 130 8.62 -18.15 8.57
CA LEU E 130 7.23 -17.77 8.94
C LEU E 130 6.36 -18.95 8.53
N GLN E 131 6.37 -19.95 9.39
CA GLN E 131 5.58 -21.17 9.17
C GLN E 131 4.96 -21.46 10.48
N ALA E 132 3.71 -21.95 10.41
CA ALA E 132 2.89 -22.35 11.56
C ALA E 132 3.64 -23.32 12.41
N GLY E 133 3.64 -23.07 13.73
CA GLY E 133 4.33 -23.89 14.72
C GLY E 133 5.78 -23.50 14.93
N TYR E 134 6.40 -22.74 13.99
CA TYR E 134 7.80 -22.22 14.23
C TYR E 134 7.74 -21.11 15.26
N LYS E 135 8.65 -21.18 16.23
CA LYS E 135 8.59 -20.21 17.38
C LYS E 135 9.45 -18.99 17.22
N GLY E 136 8.93 -17.86 17.71
CA GLY E 136 9.72 -16.68 17.91
C GLY E 136 9.66 -16.31 19.38
N ARG E 137 10.37 -15.24 19.73
CA ARG E 137 10.55 -14.76 21.06
C ARG E 137 10.04 -13.32 21.16
N VAL E 138 9.21 -13.06 22.17
CA VAL E 138 8.72 -11.72 22.48
C VAL E 138 9.22 -11.27 23.85
N THR E 139 9.57 -9.98 23.93
CA THR E 139 10.09 -9.39 25.14
C THR E 139 9.47 -8.03 25.48
N GLY E 140 9.46 -7.69 26.76
CA GLY E 140 8.83 -6.46 27.10
C GLY E 140 8.73 -6.26 28.59
N TRP E 141 8.41 -5.03 28.96
CA TRP E 141 8.22 -4.67 30.38
C TRP E 141 6.75 -4.44 30.68
N GLY E 142 5.87 -5.05 29.87
CA GLY E 142 4.44 -4.79 29.91
C GLY E 142 3.72 -5.65 30.99
N ASN E 143 2.39 -5.60 31.02
CA ASN E 143 1.65 -6.21 32.13
C ASN E 143 1.93 -7.72 32.27
N LEU E 144 1.92 -8.20 33.52
CA LEU E 144 2.18 -9.62 33.79
C LEU E 144 0.87 -10.45 33.72
N LYS E 145 -0.26 -9.77 33.71
CA LYS E 145 -1.61 -10.36 33.63
C LYS E 145 -2.50 -9.46 32.85
N GLU E 146 -3.52 -10.09 32.30
CA GLU E 146 -4.61 -9.42 31.57
C GLU E 146 -5.06 -8.16 32.29
N THR E 147 -5.19 -7.12 31.48
CA THR E 147 -5.45 -5.81 32.02
C THR E 147 -6.88 -5.80 32.68
N TRP E 148 -7.02 -5.15 33.83
CA TRP E 148 -8.28 -5.11 34.63
C TRP E 148 -8.30 -6.23 35.67
N THR E 149 -7.46 -7.25 35.47
CA THR E 149 -7.62 -8.51 36.23
C THR E 149 -6.57 -8.77 37.27
N ALA E 150 -5.59 -7.87 37.40
CA ALA E 150 -4.44 -8.13 38.32
C ALA E 150 -4.61 -7.54 39.73
N GLY E 155 1.43 -6.70 39.20
CA GLY E 155 1.07 -6.33 37.78
C GLY E 155 2.23 -5.98 36.85
N GLN E 156 3.26 -5.31 37.37
CA GLN E 156 4.38 -4.88 36.52
C GLN E 156 5.62 -5.66 36.89
N PRO E 157 6.49 -5.99 35.88
CA PRO E 157 7.62 -6.79 36.21
C PRO E 157 8.74 -5.93 36.75
N SER E 158 9.60 -6.51 37.55
CA SER E 158 10.75 -5.77 37.99
C SER E 158 11.84 -5.72 36.91
N VAL E 159 11.91 -6.78 36.08
CA VAL E 159 12.95 -6.80 35.02
C VAL E 159 12.31 -7.23 33.69
N LEU E 160 13.00 -6.99 32.59
CA LEU E 160 12.52 -7.34 31.23
C LEU E 160 12.02 -8.81 31.20
N GLN E 161 10.87 -9.08 30.63
CA GLN E 161 10.36 -10.43 30.53
C GLN E 161 10.55 -11.00 29.12
N VAL E 162 10.51 -12.33 28.99
CA VAL E 162 10.70 -13.06 27.69
C VAL E 162 9.76 -14.25 27.64
N VAL E 163 9.15 -14.51 26.50
CA VAL E 163 8.49 -15.74 26.27
C VAL E 163 8.71 -16.14 24.86
N ASN E 164 8.79 -17.46 24.63
CA ASN E 164 8.80 -17.99 23.25
C ASN E 164 7.43 -18.53 22.89
N LEU E 165 6.99 -18.25 21.68
CA LEU E 165 5.62 -18.53 21.21
C LEU E 165 5.56 -19.00 19.75
N PRO E 166 4.76 -20.05 19.46
CA PRO E 166 4.65 -20.49 18.04
C PRO E 166 3.75 -19.61 17.14
N ILE E 167 4.20 -19.34 15.93
CA ILE E 167 3.36 -18.76 14.88
C ILE E 167 2.11 -19.64 14.64
N VAL E 168 0.99 -18.97 14.37
CA VAL E 168 -0.27 -19.66 14.26
C VAL E 168 -0.74 -19.52 12.81
N GLU E 169 -1.32 -20.58 12.26
CA GLU E 169 -1.83 -20.52 10.89
C GLU E 169 -2.97 -19.51 10.69
N ARG E 170 -3.03 -18.93 9.49
CA ARG E 170 -3.90 -17.79 9.21
C ARG E 170 -5.38 -18.04 9.51
N PRO E 171 -5.91 -19.25 9.13
CA PRO E 171 -7.35 -19.47 9.45
C PRO E 171 -7.68 -19.59 10.92
N VAL E 172 -6.69 -19.98 11.75
CA VAL E 172 -6.95 -20.04 13.18
C VAL E 172 -6.94 -18.60 13.76
N CYS E 173 -5.98 -17.78 13.34
CA CYS E 173 -5.95 -16.37 13.75
C CYS E 173 -7.32 -15.72 13.35
N LYS E 174 -7.72 -15.91 12.10
CA LYS E 174 -8.90 -15.24 11.51
C LYS E 174 -10.17 -15.61 12.28
N ASP E 175 -10.31 -16.90 12.64
CA ASP E 175 -11.51 -17.36 13.39
C ASP E 175 -11.50 -16.97 14.86
N SER E 176 -10.34 -16.57 15.35
CA SER E 176 -10.19 -16.31 16.77
C SER E 176 -10.75 -14.95 17.19
N THR E 177 -11.15 -14.13 16.22
CA THR E 177 -11.46 -12.72 16.48
C THR E 177 -12.44 -12.17 15.45
N ARG E 178 -13.23 -11.17 15.85
CA ARG E 178 -14.15 -10.54 14.90
C ARG E 178 -13.44 -9.37 14.20
N ILE E 179 -12.29 -8.96 14.76
CA ILE E 179 -11.46 -7.91 14.16
C ILE E 179 -10.95 -8.37 12.79
N ARG E 180 -10.96 -7.46 11.80
CA ARG E 180 -10.63 -7.83 10.45
C ARG E 180 -9.08 -7.94 10.35
N ILE E 181 -8.60 -9.15 10.09
CA ILE E 181 -7.13 -9.43 9.98
C ILE E 181 -6.63 -9.10 8.60
N THR E 182 -5.44 -8.52 8.49
CA THR E 182 -4.90 -8.31 7.15
C THR E 182 -3.59 -9.05 6.97
N ASP E 183 -3.06 -9.01 5.75
CA ASP E 183 -1.76 -9.57 5.41
C ASP E 183 -0.59 -8.85 6.09
N ASN E 184 -0.83 -7.68 6.65
CA ASN E 184 0.16 -6.90 7.40
C ASN E 184 0.21 -7.37 8.86
N MET E 185 -0.46 -8.49 9.19
CA MET E 185 -0.43 -8.96 10.59
C MET E 185 -0.20 -10.41 10.59
N PHE E 186 0.36 -10.94 11.68
CA PHE E 186 0.25 -12.35 11.94
C PHE E 186 -0.02 -12.52 13.43
N CYS E 187 -0.31 -13.74 13.79
CA CYS E 187 -0.57 -14.05 15.20
C CYS E 187 0.21 -15.25 15.69
N ALA E 188 0.39 -15.29 17.01
CA ALA E 188 1.22 -16.28 17.63
C ALA E 188 0.71 -16.59 19.05
N GLY E 189 1.01 -17.81 19.53
CA GLY E 189 0.63 -18.22 20.87
C GLY E 189 0.17 -19.68 20.77
N TYR E 190 0.09 -20.33 21.92
CA TYR E 190 -0.27 -21.75 21.97
C TYR E 190 -1.78 -21.86 21.91
N LYS E 191 -2.23 -22.94 21.25
CA LYS E 191 -3.63 -23.33 21.16
C LYS E 191 -4.02 -23.96 22.48
N PRO E 192 -5.32 -23.88 22.90
CA PRO E 192 -5.73 -24.53 24.19
C PRO E 192 -5.27 -25.98 24.33
N ASP E 193 -5.30 -26.77 23.26
CA ASP E 193 -4.94 -28.23 23.38
C ASP E 193 -3.44 -28.49 23.53
N GLU E 194 -2.63 -27.47 23.23
CA GLU E 194 -1.15 -27.56 23.44
C GLU E 194 -0.70 -27.38 24.87
N GLY E 195 -1.60 -26.94 25.76
CA GLY E 195 -1.28 -26.89 27.19
C GLY E 195 -0.43 -25.68 27.67
N LYS E 196 0.63 -25.37 26.93
CA LYS E 196 1.56 -24.32 27.35
C LYS E 196 0.95 -22.92 27.17
N ARG E 197 1.47 -21.91 27.89
CA ARG E 197 0.78 -20.62 27.88
C ARG E 197 1.75 -19.55 27.49
N GLY E 198 1.19 -18.36 27.32
CA GLY E 198 2.01 -17.18 27.26
C GLY E 198 1.54 -16.14 26.23
N ASP E 199 1.83 -14.84 26.43
CA ASP E 199 1.35 -13.85 25.49
C ASP E 199 2.08 -12.54 25.83
N ALA E 200 1.98 -11.61 24.90
CA ALA E 200 2.37 -10.25 25.18
C ALA E 200 1.12 -9.63 25.79
N CYS E 201 1.23 -8.38 26.22
CA CYS E 201 0.07 -7.75 26.84
C CYS E 201 0.18 -6.25 26.71
N GLU E 202 -0.80 -5.52 27.24
CA GLU E 202 -0.65 -4.07 27.33
C GLU E 202 0.69 -3.58 27.89
N GLY E 203 1.28 -2.57 27.22
CA GLY E 203 2.62 -2.12 27.56
C GLY E 203 3.76 -2.76 26.78
N ASP E 204 3.50 -3.92 26.19
CA ASP E 204 4.54 -4.65 25.42
C ASP E 204 4.54 -4.16 23.95
N SER E 205 3.47 -3.44 23.57
CA SER E 205 3.36 -2.91 22.19
C SER E 205 4.60 -2.32 21.66
N GLY E 206 4.88 -2.60 20.39
CA GLY E 206 6.12 -2.06 19.80
C GLY E 206 7.44 -2.83 20.01
N GLY E 207 7.48 -3.77 20.94
CA GLY E 207 8.64 -4.65 21.12
C GLY E 207 8.62 -5.77 20.09
N PRO E 208 9.75 -6.38 19.92
CA PRO E 208 10.04 -7.24 18.82
C PRO E 208 9.65 -8.67 19.11
N PHE E 209 9.11 -9.31 18.06
CA PHE E 209 8.94 -10.77 17.95
C PHE E 209 10.12 -11.23 17.05
N VAL E 210 11.11 -11.89 17.66
CA VAL E 210 12.33 -12.26 16.92
C VAL E 210 12.47 -13.76 16.71
N MET E 211 13.27 -14.16 15.69
CA MET E 211 13.51 -15.58 15.43
C MET E 211 15.00 -15.67 15.13
N LYS E 212 15.65 -16.76 15.52
CA LYS E 212 17.12 -16.95 15.31
C LYS E 212 17.27 -17.80 14.02
N SER E 213 17.89 -17.21 13.00
CA SER E 213 18.08 -17.92 11.75
C SER E 213 19.11 -19.06 11.90
N PRO E 214 18.74 -20.31 11.52
CA PRO E 214 19.73 -21.39 11.52
C PRO E 214 20.73 -21.24 10.36
N PHE E 215 20.40 -20.39 9.39
CA PHE E 215 21.24 -20.22 8.19
C PHE E 215 22.50 -19.37 8.51
N ASN E 216 22.38 -18.46 9.48
CA ASN E 216 23.55 -17.61 9.76
C ASN E 216 23.68 -17.21 11.22
N ASN E 217 22.88 -17.86 12.06
N ASN E 217 22.89 -17.79 12.12
CA ASN E 217 22.85 -17.68 13.50
CA ASN E 217 23.10 -17.51 13.54
C ASN E 217 22.62 -16.21 13.97
C ASN E 217 22.49 -16.21 14.08
N ARG E 218 21.82 -15.47 13.22
CA ARG E 218 21.50 -14.04 13.55
C ARG E 218 20.07 -14.01 14.01
N TRP E 219 19.83 -13.12 14.97
CA TRP E 219 18.46 -12.73 15.25
C TRP E 219 17.82 -11.76 14.28
N TYR E 220 16.61 -12.10 13.86
CA TYR E 220 15.80 -11.30 12.94
C TYR E 220 14.46 -10.90 13.57
N GLN E 221 14.08 -9.65 13.36
CA GLN E 221 12.80 -9.17 13.86
C GLN E 221 11.67 -9.41 12.83
N MET E 222 10.84 -10.42 13.09
CA MET E 222 9.75 -10.78 12.15
C MET E 222 8.46 -10.01 12.47
N GLY E 223 8.34 -9.53 13.68
CA GLY E 223 7.05 -8.97 14.12
C GLY E 223 7.25 -7.83 15.11
N ILE E 224 6.25 -6.97 15.19
CA ILE E 224 6.17 -5.96 16.25
C ILE E 224 4.91 -6.24 17.12
N VAL E 225 5.03 -6.32 18.47
CA VAL E 225 3.75 -6.51 19.23
C VAL E 225 2.75 -5.40 18.91
N SER E 226 1.53 -5.73 18.46
CA SER E 226 0.62 -4.73 18.00
C SER E 226 -0.74 -4.78 18.80
N TRP E 227 -1.42 -5.90 18.90
CA TRP E 227 -2.71 -5.86 19.58
C TRP E 227 -3.13 -7.24 20.08
N GLY E 228 -4.25 -7.29 20.81
CA GLY E 228 -4.75 -8.54 21.32
C GLY E 228 -6.12 -8.27 21.90
N GLU E 229 -6.77 -9.28 22.46
CA GLU E 229 -8.02 -9.02 23.23
C GLU E 229 -7.87 -9.77 24.54
N GLY E 230 -7.74 -9.02 25.67
CA GLY E 230 -7.19 -9.55 26.91
C GLY E 230 -5.73 -9.96 26.66
N CYS E 231 -5.23 -10.87 27.51
CA CYS E 231 -3.84 -11.36 27.45
C CYS E 231 -3.88 -12.81 27.90
N ASP E 232 -3.32 -13.70 27.05
CA ASP E 232 -3.19 -15.13 27.38
C ASP E 232 -4.52 -15.85 27.67
N ARG E 233 -5.60 -15.44 26.98
CA ARG E 233 -6.88 -16.16 26.98
C ARG E 233 -6.81 -17.41 26.14
N ASP E 234 -7.41 -18.51 26.62
CA ASP E 234 -7.54 -19.67 25.74
C ASP E 234 -8.33 -19.31 24.49
N GLY E 235 -7.88 -19.77 23.31
CA GLY E 235 -8.62 -19.47 22.08
C GLY E 235 -8.31 -18.04 21.53
N LYS E 236 -7.58 -17.22 22.30
CA LYS E 236 -7.11 -15.91 21.76
C LYS E 236 -5.58 -16.00 21.42
N TYR E 237 -5.10 -15.11 20.52
CA TYR E 237 -3.68 -15.11 20.09
C TYR E 237 -3.19 -13.65 20.01
N GLY E 238 -1.93 -13.42 20.33
CA GLY E 238 -1.46 -12.03 20.23
C GLY E 238 -1.26 -11.76 18.73
N PHE E 239 -1.40 -10.48 18.33
CA PHE E 239 -1.21 -10.05 16.93
C PHE E 239 0.02 -9.18 16.82
N TYR E 240 0.71 -9.39 15.70
CA TYR E 240 2.01 -8.73 15.47
C TYR E 240 1.96 -8.10 14.13
N THR E 241 2.63 -6.95 14.02
CA THR E 241 2.73 -6.36 12.73
C THR E 241 3.79 -7.18 11.95
N HIS E 242 3.53 -7.43 10.65
CA HIS E 242 4.31 -8.38 9.85
C HIS E 242 5.44 -7.53 9.24
N VAL E 243 6.62 -7.62 9.83
CA VAL E 243 7.70 -6.67 9.48
C VAL E 243 8.12 -6.85 8.00
N PHE E 244 8.31 -8.08 7.57
CA PHE E 244 8.73 -8.29 6.18
C PHE E 244 7.72 -7.64 5.18
N ARG E 245 6.43 -7.76 5.49
CA ARG E 245 5.38 -7.29 4.55
C ARG E 245 5.58 -5.78 4.38
N LEU E 246 6.11 -5.13 5.41
CA LEU E 246 6.11 -3.71 5.43
C LEU E 246 7.55 -3.23 5.19
N LYS E 247 8.43 -4.12 4.77
CA LYS E 247 9.90 -3.73 4.69
C LYS E 247 10.13 -2.71 3.56
N LYS E 248 9.33 -2.71 2.49
CA LYS E 248 9.59 -1.59 1.50
C LYS E 248 9.27 -0.20 2.04
N TRP E 249 8.29 -0.11 2.97
CA TRP E 249 8.02 1.15 3.59
C TRP E 249 9.20 1.55 4.48
N ILE E 250 9.66 0.60 5.30
CA ILE E 250 10.83 0.83 6.19
C ILE E 250 12.05 1.36 5.36
N GLN E 251 12.37 0.61 4.30
CA GLN E 251 13.47 1.00 3.41
C GLN E 251 13.26 2.38 2.79
N LYS E 252 12.04 2.70 2.34
CA LYS E 252 11.72 4.00 1.70
C LYS E 252 12.05 5.16 2.67
N VAL E 253 11.65 4.97 3.94
CA VAL E 253 11.78 5.98 4.94
C VAL E 253 13.26 6.13 5.23
N ILE E 254 13.97 5.02 5.40
CA ILE E 254 15.37 5.14 5.85
C ILE E 254 16.22 5.72 4.68
N ASP E 255 15.85 5.34 3.44
CA ASP E 255 16.58 5.83 2.23
C ASP E 255 16.45 7.34 2.05
N GLN E 256 15.27 7.87 2.36
CA GLN E 256 14.99 9.31 2.21
C GLN E 256 15.53 10.17 3.34
N PHE E 257 15.42 9.68 4.58
CA PHE E 257 15.67 10.53 5.75
C PHE E 257 16.90 10.16 6.57
N GLY E 258 17.59 9.08 6.19
CA GLY E 258 18.78 8.59 6.90
C GLY E 258 19.99 9.52 6.77
N GLU E 259 21.02 9.26 7.58
CA GLU E 259 22.15 10.18 7.98
C GLU E 259 21.84 11.64 8.40
N GLU F 28 4.81 2.42 41.67
CA GLU F 28 6.15 2.35 41.00
C GLU F 28 6.69 3.74 40.65
N ILE F 29 8.01 3.90 40.80
CA ILE F 29 8.67 5.18 40.75
C ILE F 29 9.88 4.97 39.88
N PHE F 30 10.15 5.90 38.98
CA PHE F 30 11.38 5.75 38.19
C PHE F 30 12.58 6.39 38.89
N GLU F 31 13.69 5.66 38.96
CA GLU F 31 14.89 6.22 39.51
C GLU F 31 15.46 7.24 38.52
N PRO F 32 15.85 8.43 38.99
CA PRO F 32 16.36 9.43 38.03
C PRO F 32 17.81 9.17 37.56
N PRO F 33 18.24 9.83 36.43
CA PRO F 33 19.63 9.64 35.98
C PRO F 33 20.64 10.26 36.92
N GLU F 34 21.86 9.75 36.89
CA GLU F 34 22.94 10.37 37.63
C GLU F 34 23.26 11.68 36.93
N SER F 35 23.76 12.64 37.69
CA SER F 35 24.01 13.96 37.15
C SER F 35 25.49 14.20 36.78
NA NA G . -10.35 28.32 -20.86
N 0G6 H . -17.22 -4.23 -30.62
CA 0G6 H . -17.36 -5.12 -29.40
C 0G6 H . -16.44 -4.53 -28.31
O 0G6 H . -16.46 -3.29 -28.11
CB 0G6 H . -18.78 -5.17 -28.87
CG 0G6 H . -18.97 -6.11 -27.66
CD1 0G6 H . -19.18 -5.60 -26.36
CD2 0G6 H . -18.88 -7.49 -27.82
CE1 0G6 H . -19.33 -6.45 -25.22
CE2 0G6 H . -19.01 -8.37 -26.72
CZ 0G6 H . -19.23 -7.88 -25.41
N1 0G6 H . -15.60 -5.37 -27.67
CA1 0G6 H . -14.59 -4.92 -26.71
C1 0G6 H . -13.65 -3.93 -27.36
O1 0G6 H . -13.25 -4.07 -28.51
CB1 0G6 H . -13.82 -6.22 -26.34
CG1 0G6 H . -14.82 -7.36 -26.68
CD 0G6 H . -15.47 -6.83 -27.94
N2 0G6 H . -13.31 -2.70 -26.57
CA2 0G6 H . -12.29 -1.80 -27.15
C2 0G6 H . -10.88 -2.06 -26.64
O2 0G6 H . -9.94 -1.31 -26.93
CB2 0G6 H . -12.94 -0.44 -27.02
CG2 0G6 H . -13.98 -0.24 -28.11
CD3 0G6 H . -14.53 1.20 -27.94
NE 0G6 H . -15.50 1.50 -29.01
CZ1 0G6 H . -16.25 2.61 -29.05
NH1 0G6 H . -16.34 3.46 -28.07
NH2 0G6 H . -16.96 2.86 -30.19
C3 0G6 H . -10.53 -3.39 -25.99
C1 NAG I . -4.61 -17.36 -17.53
C2 NAG I . -5.29 -18.73 -17.43
C3 NAG I . -5.48 -19.02 -15.93
C4 NAG I . -4.06 -19.20 -15.37
C5 NAG I . -3.14 -17.97 -15.68
C6 NAG I . -1.67 -18.34 -15.45
C7 NAG I . -7.64 -18.40 -18.28
C8 NAG I . -8.60 -18.78 -19.36
N2 NAG I . -6.43 -18.94 -18.34
O3 NAG I . -6.30 -20.14 -15.64
O4 NAG I . -4.08 -19.51 -13.98
O5 NAG I . -3.28 -17.49 -17.03
O6 NAG I . -0.83 -17.62 -16.32
O7 NAG I . -7.99 -17.62 -17.38
NA NA J . -22.51 8.25 -32.29
NA NA K . -4.23 -11.55 -17.39
CL CL L . 0.98 1.33 -2.86
CL CL M . -21.01 -4.10 -35.97
CL CL N . 9.53 -1.02 -12.77
C1 MPD O . -26.93 8.40 -13.40
C2 MPD O . -27.14 8.94 -14.81
O2 MPD O . -27.92 8.05 -15.63
CM MPD O . -27.87 10.26 -14.71
C3 MPD O . -25.84 9.03 -15.57
C4 MPD O . -25.12 7.72 -15.50
O4 MPD O . -25.50 6.88 -16.56
C5 MPD O . -23.61 7.97 -15.45
NA NA P . 11.47 -28.12 9.59
N 0G6 Q . -7.41 -4.51 23.01
CA 0G6 Q . -7.32 -3.72 21.73
C 0G6 Q . -5.83 -3.49 21.44
O 0G6 Q . -5.04 -4.42 21.62
CB 0G6 Q . -8.08 -4.40 20.59
CG 0G6 Q . -8.11 -3.60 19.27
CD1 0G6 Q . -7.34 -3.98 18.19
CD2 0G6 Q . -8.92 -2.44 19.15
CE1 0G6 Q . -7.37 -3.27 16.97
CE2 0G6 Q . -8.95 -1.68 17.96
CZ 0G6 Q . -8.14 -2.08 16.87
N1 0G6 Q . -5.43 -2.22 21.16
CA1 0G6 Q . -4.03 -1.82 20.92
C1 0G6 Q . -3.21 -2.19 22.15
O1 0G6 Q . -3.62 -1.96 23.32
CB1 0G6 Q . -4.13 -0.28 20.79
CG1 0G6 Q . -5.66 -0.03 20.49
CD 0G6 Q . -6.34 -1.06 21.28
N2 0G6 Q . -1.96 -2.79 21.94
CA2 0G6 Q . -0.98 -3.04 22.99
C2 0G6 Q . -0.02 -1.92 23.26
O2 0G6 Q . 0.85 -2.08 24.13
CB2 0G6 Q . -0.42 -4.47 22.87
CG2 0G6 Q . -1.56 -5.42 23.30
CD3 0G6 Q . -1.09 -6.85 23.04
NE 0G6 Q . -2.11 -7.86 23.47
CZ1 0G6 Q . -1.90 -9.18 23.45
NH1 0G6 Q . -0.93 -9.79 22.81
NH2 0G6 Q . -2.71 -9.94 24.21
C3 0G6 Q . -0.28 -0.49 22.74
C1 NAG R . -0.23 15.82 16.34
C2 NAG R . -1.29 16.34 15.36
C3 NAG R . -0.58 17.03 14.20
C4 NAG R . 0.38 18.12 14.70
C5 NAG R . 1.08 17.87 16.05
C6 NAG R . 1.10 19.18 16.81
C7 NAG R . -2.51 14.33 14.17
C8 NAG R . -1.41 13.78 13.29
N2 NAG R . -2.36 15.38 15.00
O3 NAG R . -1.52 17.59 13.29
O4 NAG R . 1.40 18.30 13.73
O5 NAG R . 0.54 16.87 16.92
O6 NAG R . 2.31 19.25 17.53
O7 NAG R . -3.61 13.75 14.14
NA NA S . -4.11 -17.72 24.05
NA NA T . 21.61 8.83 20.47
NA NA U . -4.61 -25.24 27.54
NA NA V . 30.69 -5.54 23.53
NA NA W . -9.17 1.49 16.61
#